data_3VPE
#
_entry.id   3VPE
#
_cell.length_a   67.829
_cell.length_b   67.829
_cell.length_c   48.670
_cell.angle_alpha   90.00
_cell.angle_beta   90.00
_cell.angle_gamma   120.00
#
_symmetry.space_group_name_H-M   'P 31'
#
loop_
_entity.id
_entity.type
_entity.pdbx_description
1 polymer Metallo-beta-lactamase
2 non-polymer 'ZINC ION'
3 non-polymer 'SULFATE ION'
4 non-polymer 'ACETATE ION'
5 non-polymer GLYCEROL
6 water water
#
_entity_poly.entity_id   1
_entity_poly.type   'polypeptide(L)'
_entity_poly.pdbx_seq_one_letter_code
;QDRDWSSPQQPFTIYGNTHYVGTGGISAVLLSSPQGHILVDGTTEKGAQVVAANIRAMGFKLSDVKYILSTHSHEDHAGG
ISAMQKLTGATVLAGAANVDTLRTGVSPKSDPQFGSLSNFPGSAKVRAVADGELVKLGPLAVKAHATPGHTEGGITWTWQ
SCEQGKCKDVVFADSLTAVSADSYRFSDHPEVVASLRGSFEAVEKLSCDIAIAAHPEVNDMWTRQQRAAKEGNSAYVDNG
ACRAIAAAGRKRLETRLASEKR
;
_entity_poly.pdbx_strand_id   A
#
# COMPACT_ATOMS: atom_id res chain seq x y z
N ARG A 3 -17.87 3.65 -2.72
CA ARG A 3 -16.39 3.33 -2.71
C ARG A 3 -15.54 4.55 -2.35
N ASP A 4 -15.99 5.25 -1.32
CA ASP A 4 -15.24 6.33 -0.71
C ASP A 4 -14.08 5.74 0.08
N TRP A 5 -13.11 6.60 0.38
CA TRP A 5 -11.90 6.16 1.07
C TRP A 5 -12.16 5.56 2.41
N SER A 6 -13.26 5.93 3.06
CA SER A 6 -13.57 5.45 4.40
C SER A 6 -14.73 4.46 4.44
N SER A 7 -15.20 4.06 3.26
CA SER A 7 -16.43 3.25 3.15
C SER A 7 -16.26 1.81 3.59
N PRO A 8 -17.31 1.24 4.17
CA PRO A 8 -17.27 -0.16 4.58
C PRO A 8 -17.02 -1.05 3.38
N GLN A 9 -16.39 -2.19 3.62
CA GLN A 9 -16.16 -3.15 2.56
C GLN A 9 -15.97 -4.53 3.20
N GLN A 10 -16.81 -5.49 2.80
CA GLN A 10 -16.69 -6.85 3.29
C GLN A 10 -15.32 -7.40 2.90
N PRO A 11 -14.55 -7.90 3.88
CA PRO A 11 -13.21 -8.42 3.62
C PRO A 11 -13.27 -9.78 2.93
N PHE A 12 -12.16 -10.17 2.33
CA PHE A 12 -12.10 -11.39 1.51
C PHE A 12 -10.66 -11.82 1.34
N THR A 13 -10.45 -13.12 1.20
CA THR A 13 -9.13 -13.64 0.85
C THR A 13 -8.80 -13.36 -0.60
N ILE A 14 -7.59 -12.87 -0.84
CA ILE A 14 -7.08 -12.68 -2.17
C ILE A 14 -6.34 -13.93 -2.65
N TYR A 15 -5.38 -14.41 -1.85
CA TYR A 15 -4.66 -15.60 -2.22
C TYR A 15 -3.97 -16.19 -0.98
N GLY A 16 -4.35 -17.42 -0.65
CA GLY A 16 -3.72 -18.11 0.49
C GLY A 16 -3.92 -17.32 1.77
N ASN A 17 -2.80 -16.89 2.38
CA ASN A 17 -2.83 -16.09 3.61
C ASN A 17 -2.82 -14.56 3.38
N THR A 18 -3.07 -14.14 2.14
CA THR A 18 -3.19 -12.71 1.81
C THR A 18 -4.68 -12.36 1.76
N HIS A 19 -5.10 -11.42 2.60
CA HIS A 19 -6.53 -11.06 2.70
C HIS A 19 -6.68 -9.57 2.55
N TYR A 20 -7.76 -9.16 1.89
CA TYR A 20 -8.10 -7.76 1.74
C TYR A 20 -8.95 -7.37 2.93
N VAL A 21 -8.54 -6.34 3.66
CA VAL A 21 -9.25 -5.87 4.87
C VAL A 21 -9.45 -4.36 4.83
N GLY A 22 -9.25 -3.77 3.65
CA GLY A 22 -9.32 -2.31 3.52
C GLY A 22 -10.75 -1.80 3.35
N THR A 23 -10.86 -0.57 2.89
CA THR A 23 -12.16 0.04 2.69
C THR A 23 -12.63 -0.16 1.27
N GLY A 24 -13.78 0.43 0.89
CA GLY A 24 -14.21 0.35 -0.50
C GLY A 24 -13.35 1.12 -1.48
N GLY A 25 -12.59 2.09 -0.95
CA GLY A 25 -11.76 2.93 -1.78
C GLY A 25 -10.25 2.88 -1.56
N ILE A 26 -9.80 2.28 -0.44
CA ILE A 26 -8.35 2.25 -0.14
C ILE A 26 -7.95 0.85 0.30
N SER A 27 -6.89 0.32 -0.29
CA SER A 27 -6.45 -1.02 0.08
C SER A 27 -5.78 -1.13 1.42
N ALA A 28 -6.12 -2.19 2.12
CA ALA A 28 -5.33 -2.65 3.26
C ALA A 28 -5.31 -4.16 3.19
N VAL A 29 -4.18 -4.77 3.53
CA VAL A 29 -4.00 -6.21 3.40
C VAL A 29 -3.50 -6.79 4.71
N LEU A 30 -4.13 -7.92 5.08
CA LEU A 30 -3.64 -8.68 6.21
C LEU A 30 -2.93 -9.91 5.68
N LEU A 31 -1.68 -10.09 6.07
CA LEU A 31 -0.95 -11.26 5.69
C LEU A 31 -0.84 -12.08 6.98
N SER A 32 -1.48 -13.25 6.98
CA SER A 32 -1.70 -13.95 8.21
C SER A 32 -0.76 -15.13 8.43
N SER A 33 -0.51 -15.44 9.69
CA SER A 33 0.19 -16.68 10.04
C SER A 33 -0.14 -17.11 11.48
N PRO A 34 0.08 -18.40 11.79
CA PRO A 34 -0.08 -18.84 13.17
C PRO A 34 0.89 -18.18 14.15
N GLN A 35 1.93 -17.53 13.65
CA GLN A 35 2.95 -16.87 14.46
CA GLN A 35 2.94 -16.91 14.49
C GLN A 35 2.80 -15.37 14.51
N GLY A 36 1.65 -14.87 14.04
CA GLY A 36 1.42 -13.41 14.01
C GLY A 36 1.17 -12.92 12.59
N HIS A 37 0.60 -11.72 12.49
CA HIS A 37 0.15 -11.16 11.20
C HIS A 37 0.83 -9.85 10.89
N ILE A 38 0.86 -9.51 9.61
CA ILE A 38 1.34 -8.22 9.16
C ILE A 38 0.19 -7.51 8.47
N LEU A 39 -0.02 -6.24 8.82
CA LEU A 39 -1.07 -5.42 8.19
C LEU A 39 -0.34 -4.46 7.26
N VAL A 40 -0.79 -4.33 6.03
CA VAL A 40 -0.25 -3.30 5.15
C VAL A 40 -1.29 -2.20 5.01
N ASP A 41 -0.88 -1.00 5.44
CA ASP A 41 -1.68 0.26 5.45
C ASP A 41 -2.84 0.29 6.45
N GLY A 42 -3.30 1.51 6.73
CA GLY A 42 -4.38 1.75 7.72
C GLY A 42 -5.63 2.40 7.15
N THR A 43 -5.59 2.78 5.89
CA THR A 43 -6.60 3.62 5.25
C THR A 43 -6.70 4.98 5.95
N THR A 44 -7.90 5.56 5.98
CA THR A 44 -8.10 6.90 6.55
C THR A 44 -8.31 6.80 8.06
N GLU A 45 -8.32 7.95 8.76
CA GLU A 45 -8.62 7.95 10.19
C GLU A 45 -9.98 7.29 10.47
N LYS A 46 -11.01 7.65 9.69
CA LYS A 46 -12.35 7.05 9.82
C LYS A 46 -12.34 5.60 9.34
N GLY A 47 -11.46 5.31 8.38
CA GLY A 47 -11.38 3.95 7.85
C GLY A 47 -10.76 2.95 8.79
N ALA A 48 -10.01 3.38 9.80
CA ALA A 48 -9.42 2.47 10.79
C ALA A 48 -10.52 1.60 11.44
N GLN A 49 -11.69 2.18 11.67
CA GLN A 49 -12.80 1.41 12.24
CA GLN A 49 -12.84 1.43 12.22
C GLN A 49 -13.21 0.29 11.27
N VAL A 50 -13.13 0.54 9.97
CA VAL A 50 -13.48 -0.45 8.94
C VAL A 50 -12.41 -1.55 8.94
N VAL A 51 -11.14 -1.14 8.98
CA VAL A 51 -10.03 -2.11 8.93
C VAL A 51 -10.08 -3.05 10.12
N ALA A 52 -10.30 -2.45 11.30
CA ALA A 52 -10.39 -3.16 12.55
C ALA A 52 -11.57 -4.15 12.47
N ALA A 53 -12.73 -3.68 12.05
CA ALA A 53 -13.91 -4.57 11.90
C ALA A 53 -13.63 -5.73 10.93
N ASN A 54 -12.93 -5.43 9.82
CA ASN A 54 -12.66 -6.43 8.79
C ASN A 54 -11.68 -7.51 9.21
N ILE A 55 -10.61 -7.13 9.94
CA ILE A 55 -9.65 -8.11 10.46
C ILE A 55 -10.35 -9.12 11.36
N ARG A 56 -11.21 -8.60 12.24
CA ARG A 56 -12.03 -9.43 13.10
C ARG A 56 -13.05 -10.27 12.34
N ALA A 57 -13.73 -9.69 11.35
CA ALA A 57 -14.68 -10.44 10.50
C ALA A 57 -14.01 -11.64 9.82
N MET A 58 -12.72 -11.52 9.52
CA MET A 58 -11.97 -12.61 8.89
C MET A 58 -11.52 -13.69 9.88
N GLY A 59 -11.85 -13.54 11.16
CA GLY A 59 -11.47 -14.53 12.15
C GLY A 59 -10.12 -14.36 12.82
N PHE A 60 -9.55 -13.15 12.74
CA PHE A 60 -8.28 -12.84 13.36
C PHE A 60 -8.42 -11.88 14.54
N LYS A 61 -7.45 -11.95 15.45
CA LYS A 61 -7.36 -11.03 16.60
C LYS A 61 -6.41 -9.90 16.27
N LEU A 62 -6.85 -8.68 16.54
CA LEU A 62 -6.00 -7.49 16.37
C LEU A 62 -4.68 -7.58 17.13
N SER A 63 -4.68 -8.15 18.34
CA SER A 63 -3.45 -8.29 19.14
C SER A 63 -2.38 -9.19 18.50
N ASP A 64 -2.79 -10.01 17.52
CA ASP A 64 -1.88 -10.87 16.78
C ASP A 64 -1.17 -10.14 15.61
N VAL A 65 -1.56 -8.89 15.33
CA VAL A 65 -0.89 -8.08 14.28
C VAL A 65 0.38 -7.52 14.90
N LYS A 66 1.53 -7.91 14.37
CA LYS A 66 2.82 -7.53 14.97
CA LYS A 66 2.81 -7.53 14.98
C LYS A 66 3.51 -6.37 14.25
N TYR A 67 3.23 -6.21 12.96
CA TYR A 67 3.78 -5.11 12.16
C TYR A 67 2.69 -4.48 11.34
N ILE A 68 2.79 -3.17 11.17
CA ILE A 68 1.98 -2.45 10.19
C ILE A 68 2.95 -1.84 9.18
N LEU A 69 2.80 -2.20 7.90
CA LEU A 69 3.71 -1.66 6.88
C LEU A 69 3.02 -0.48 6.21
N SER A 70 3.74 0.63 6.01
CA SER A 70 3.16 1.77 5.33
C SER A 70 3.70 1.88 3.89
N THR A 71 2.81 2.01 2.91
CA THR A 71 3.24 2.38 1.55
C THR A 71 3.71 3.83 1.54
N HIS A 72 2.82 4.77 1.82
CA HIS A 72 3.26 6.16 1.90
C HIS A 72 2.38 6.95 2.85
N SER A 73 2.95 8.07 3.29
CA SER A 73 2.41 8.88 4.39
C SER A 73 1.41 9.98 3.95
N HIS A 74 0.36 9.57 3.22
CA HIS A 74 -0.77 10.45 2.93
C HIS A 74 -1.93 9.97 3.74
N GLU A 75 -2.82 10.91 4.13
CA GLU A 75 -3.93 10.58 4.99
C GLU A 75 -4.82 9.43 4.51
N ASP A 76 -4.95 9.27 3.19
CA ASP A 76 -5.86 8.24 2.65
C ASP A 76 -5.33 6.81 2.89
N HIS A 77 -4.01 6.68 3.06
CA HIS A 77 -3.38 5.34 3.34
C HIS A 77 -2.90 5.15 4.75
N ALA A 78 -2.45 6.25 5.39
CA ALA A 78 -1.78 6.24 6.67
C ALA A 78 -2.63 6.90 7.77
N GLY A 79 -3.74 7.57 7.40
CA GLY A 79 -4.60 8.25 8.42
C GLY A 79 -5.08 7.31 9.52
N GLY A 80 -5.33 6.05 9.17
CA GLY A 80 -5.77 5.05 10.17
C GLY A 80 -4.67 4.29 10.88
N ILE A 81 -3.39 4.53 10.52
CA ILE A 81 -2.32 3.73 11.09
C ILE A 81 -2.18 3.91 12.60
N SER A 82 -2.32 5.15 13.08
CA SER A 82 -2.18 5.41 14.52
C SER A 82 -3.18 4.62 15.35
N ALA A 83 -4.43 4.66 14.89
CA ALA A 83 -5.55 3.95 15.52
C ALA A 83 -5.28 2.46 15.46
N MET A 84 -4.82 1.98 14.31
CA MET A 84 -4.53 0.54 14.21
C MET A 84 -3.36 0.15 15.08
N GLN A 85 -2.35 1.03 15.17
CA GLN A 85 -1.22 0.80 16.02
C GLN A 85 -1.67 0.68 17.50
N LYS A 86 -2.53 1.58 17.96
CA LYS A 86 -3.05 1.51 19.34
C LYS A 86 -3.83 0.22 19.59
N LEU A 87 -4.60 -0.20 18.59
CA LEU A 87 -5.45 -1.40 18.74
C LEU A 87 -4.63 -2.69 18.77
N THR A 88 -3.48 -2.69 18.07
CA THR A 88 -2.70 -3.91 17.87
C THR A 88 -1.46 -4.04 18.76
N GLY A 89 -0.85 -2.90 19.11
CA GLY A 89 0.47 -2.88 19.72
C GLY A 89 1.62 -3.13 18.75
N ALA A 90 1.30 -3.08 17.44
CA ALA A 90 2.31 -3.35 16.41
C ALA A 90 3.33 -2.24 16.29
N THR A 91 4.46 -2.58 15.66
CA THR A 91 5.43 -1.60 15.19
C THR A 91 5.09 -1.22 13.76
N VAL A 92 5.20 0.08 13.46
CA VAL A 92 4.94 0.60 12.13
C VAL A 92 6.28 0.72 11.35
N LEU A 93 6.32 0.21 10.12
CA LEU A 93 7.55 0.24 9.32
C LEU A 93 7.32 1.08 8.06
N ALA A 94 8.30 1.92 7.71
CA ALA A 94 8.12 2.85 6.60
C ALA A 94 9.46 3.25 6.03
N GLY A 95 9.45 3.71 4.79
CA GLY A 95 10.65 4.32 4.19
C GLY A 95 11.13 5.45 5.09
N ALA A 96 12.45 5.58 5.20
CA ALA A 96 13.05 6.54 6.13
C ALA A 96 12.50 7.96 5.94
N ALA A 97 12.32 8.41 4.69
CA ALA A 97 11.88 9.80 4.43
C ALA A 97 10.43 10.07 4.80
N ASN A 98 9.65 8.99 5.04
CA ASN A 98 8.28 9.16 5.52
C ASN A 98 8.04 8.93 7.03
N VAL A 99 9.06 8.46 7.75
CA VAL A 99 8.95 8.19 9.18
C VAL A 99 8.46 9.38 10.00
N ASP A 100 9.03 10.57 9.78
CA ASP A 100 8.59 11.73 10.57
C ASP A 100 7.13 12.08 10.35
N THR A 101 6.66 11.96 9.10
CA THR A 101 5.28 12.26 8.79
C THR A 101 4.39 11.24 9.50
N LEU A 102 4.83 9.97 9.57
CA LEU A 102 4.00 8.99 10.27
C LEU A 102 3.93 9.26 11.79
N ARG A 103 5.02 9.75 12.35
CA ARG A 103 5.09 10.00 13.80
C ARG A 103 4.30 11.26 14.17
N THR A 104 4.33 12.27 13.31
CA THR A 104 3.65 13.56 13.63
C THR A 104 2.31 13.75 12.96
N GLY A 105 2.08 13.01 11.87
CA GLY A 105 0.94 13.22 11.00
C GLY A 105 1.02 14.38 10.05
N VAL A 106 2.16 15.08 10.03
CA VAL A 106 2.33 16.31 9.24
C VAL A 106 3.37 16.06 8.10
N SER A 107 2.93 16.21 6.84
CA SER A 107 3.82 16.03 5.67
C SER A 107 4.85 17.16 5.60
N PRO A 108 6.05 16.84 5.08
CA PRO A 108 7.06 17.87 4.82
C PRO A 108 6.59 18.78 3.70
N LYS A 109 7.09 20.01 3.68
CA LYS A 109 6.72 20.95 2.62
C LYS A 109 7.18 20.51 1.24
N SER A 110 8.07 19.52 1.19
CA SER A 110 8.54 18.99 -0.06
C SER A 110 7.54 17.98 -0.66
N ASP A 111 6.56 17.52 0.15
CA ASP A 111 5.61 16.55 -0.38
C ASP A 111 4.70 17.16 -1.46
N PRO A 112 4.49 16.47 -2.59
CA PRO A 112 3.64 17.09 -3.62
C PRO A 112 2.21 17.38 -3.13
N GLN A 113 1.74 16.62 -2.15
CA GLN A 113 0.38 16.85 -1.62
C GLN A 113 0.43 17.47 -0.24
N PHE A 114 1.54 18.12 0.09
CA PHE A 114 1.56 18.94 1.28
C PHE A 114 0.46 19.99 1.14
N GLY A 115 -0.29 20.19 2.22
CA GLY A 115 -1.36 21.20 2.23
C GLY A 115 -2.68 20.84 1.57
N SER A 116 -2.65 20.16 0.43
CA SER A 116 -3.89 19.79 -0.28
C SER A 116 -4.53 18.52 0.27
N LEU A 117 -3.70 17.68 0.90
CA LEU A 117 -4.19 16.59 1.76
C LEU A 117 -4.00 16.99 3.22
N SER A 118 -4.91 16.54 4.09
CA SER A 118 -4.89 16.92 5.51
C SER A 118 -3.81 16.25 6.33
N ASN A 119 -3.42 16.92 7.42
CA ASN A 119 -2.68 16.28 8.49
C ASN A 119 -3.51 15.11 9.03
N PHE A 120 -2.86 14.18 9.69
CA PHE A 120 -3.57 13.04 10.24
C PHE A 120 -2.99 12.69 11.59
N PRO A 121 -3.59 11.71 12.31
CA PRO A 121 -3.04 11.40 13.62
C PRO A 121 -1.66 10.75 13.59
N GLY A 122 -0.74 11.30 14.38
CA GLY A 122 0.61 10.74 14.51
C GLY A 122 0.57 9.38 15.20
N SER A 123 1.47 8.50 14.81
CA SER A 123 1.52 7.14 15.34
CA SER A 123 1.55 7.13 15.31
C SER A 123 2.73 6.95 16.25
N ALA A 124 2.53 6.07 17.23
CA ALA A 124 3.60 5.58 18.06
C ALA A 124 4.34 4.46 17.33
N LYS A 125 5.53 4.13 17.81
CA LYS A 125 6.26 2.92 17.40
C LYS A 125 6.54 2.85 15.90
N VAL A 126 7.00 3.95 15.32
CA VAL A 126 7.40 3.96 13.89
C VAL A 126 8.90 3.78 13.77
N ARG A 127 9.32 2.91 12.86
CA ARG A 127 10.72 2.85 12.49
C ARG A 127 10.96 2.67 10.98
N ALA A 128 12.14 3.08 10.54
CA ALA A 128 12.55 2.99 9.15
C ALA A 128 12.93 1.58 8.68
N VAL A 129 12.57 1.26 7.45
CA VAL A 129 13.20 0.14 6.74
C VAL A 129 14.05 0.67 5.58
N ALA A 130 15.12 -0.07 5.27
CA ALA A 130 15.97 0.25 4.14
C ALA A 130 15.43 -0.36 2.87
N ASP A 131 15.81 0.22 1.74
CA ASP A 131 15.53 -0.39 0.45
C ASP A 131 16.11 -1.81 0.42
N GLY A 132 15.28 -2.77 0.05
CA GLY A 132 15.67 -4.18 -0.03
C GLY A 132 15.58 -4.97 1.28
N GLU A 133 15.24 -4.30 2.38
CA GLU A 133 15.19 -4.95 3.68
C GLU A 133 14.09 -6.01 3.72
N LEU A 134 14.40 -7.14 4.33
CA LEU A 134 13.44 -8.21 4.51
C LEU A 134 12.90 -8.16 5.95
N VAL A 135 11.57 -8.08 6.09
CA VAL A 135 10.89 -8.05 7.38
C VAL A 135 10.36 -9.46 7.63
N LYS A 136 10.82 -10.10 8.70
CA LYS A 136 10.42 -11.48 8.96
C LYS A 136 9.55 -11.58 10.20
N LEU A 137 8.56 -12.46 10.13
CA LEU A 137 7.67 -12.70 11.26
C LEU A 137 7.21 -14.15 11.14
N GLY A 138 7.74 -15.04 11.97
CA GLY A 138 7.41 -16.45 11.79
C GLY A 138 7.70 -16.91 10.38
N PRO A 139 6.69 -17.47 9.69
CA PRO A 139 6.88 -17.97 8.33
C PRO A 139 6.79 -16.85 7.27
N LEU A 140 6.46 -15.64 7.72
CA LEU A 140 6.26 -14.52 6.79
C LEU A 140 7.57 -13.77 6.52
N ALA A 141 7.72 -13.30 5.28
CA ALA A 141 8.89 -12.54 4.86
C ALA A 141 8.48 -11.54 3.81
N VAL A 142 8.53 -10.27 4.19
CA VAL A 142 8.08 -9.20 3.32
C VAL A 142 9.27 -8.33 2.98
N LYS A 143 9.42 -8.04 1.70
CA LYS A 143 10.53 -7.24 1.24
C LYS A 143 10.12 -5.81 0.92
N ALA A 144 10.94 -4.86 1.37
CA ALA A 144 10.74 -3.44 1.07
C ALA A 144 11.43 -3.05 -0.23
N HIS A 145 10.70 -2.38 -1.12
CA HIS A 145 11.28 -1.78 -2.34
C HIS A 145 11.04 -0.31 -2.35
N ALA A 146 12.11 0.50 -2.31
CA ALA A 146 11.94 1.96 -2.40
C ALA A 146 11.30 2.37 -3.74
N THR A 147 10.13 3.01 -3.66
CA THR A 147 9.42 3.52 -4.86
C THR A 147 8.99 4.97 -4.61
N PRO A 148 9.97 5.89 -4.54
CA PRO A 148 9.68 7.30 -4.28
C PRO A 148 9.09 8.02 -5.48
N GLY A 149 8.54 9.22 -5.21
CA GLY A 149 8.06 10.10 -6.27
C GLY A 149 6.74 10.71 -5.92
N HIS A 150 5.75 9.88 -5.67
CA HIS A 150 4.48 10.38 -5.13
C HIS A 150 4.67 10.91 -3.71
N THR A 151 5.56 10.28 -2.95
CA THR A 151 6.16 10.79 -1.70
C THR A 151 7.63 10.38 -1.69
N GLU A 152 8.43 11.01 -0.83
CA GLU A 152 9.87 10.69 -0.79
C GLU A 152 10.19 9.30 -0.23
N GLY A 153 9.39 8.85 0.74
CA GLY A 153 9.67 7.60 1.42
C GLY A 153 8.73 6.45 1.04
N GLY A 154 8.14 6.53 -0.14
CA GLY A 154 7.24 5.45 -0.59
C GLY A 154 7.90 4.09 -0.65
N ILE A 155 7.19 3.06 -0.21
CA ILE A 155 7.68 1.70 -0.32
C ILE A 155 6.59 0.81 -0.90
N THR A 156 7.03 -0.02 -1.86
CA THR A 156 6.24 -1.11 -2.39
C THR A 156 6.73 -2.39 -1.72
N TRP A 157 5.78 -3.19 -1.25
CA TRP A 157 6.08 -4.34 -0.39
C TRP A 157 5.79 -5.61 -1.15
N THR A 158 6.66 -6.61 -1.03
CA THR A 158 6.44 -7.89 -1.76
C THR A 158 6.61 -9.13 -0.87
N TRP A 159 5.90 -10.19 -1.23
CA TRP A 159 6.02 -11.44 -0.49
C TRP A 159 5.51 -12.56 -1.34
N GLN A 160 5.50 -13.76 -0.78
CA GLN A 160 4.88 -14.92 -1.45
C GLN A 160 3.75 -15.49 -0.60
N SER A 161 2.67 -15.93 -1.25
CA SER A 161 1.59 -16.68 -0.59
C SER A 161 1.32 -17.91 -1.43
N CYS A 162 0.87 -18.97 -0.77
CA CYS A 162 0.64 -20.24 -1.45
C CYS A 162 -0.77 -20.75 -1.24
N GLU A 163 -1.39 -21.25 -2.31
CA GLU A 163 -2.67 -21.94 -2.21
C GLU A 163 -2.52 -23.31 -2.83
N GLN A 164 -2.85 -24.33 -2.05
CA GLN A 164 -2.80 -25.73 -2.52
C GLN A 164 -1.47 -26.05 -3.17
N GLY A 165 -0.40 -25.57 -2.56
CA GLY A 165 0.95 -25.85 -3.07
C GLY A 165 1.40 -25.00 -4.22
N LYS A 166 0.57 -24.06 -4.64
CA LYS A 166 0.95 -23.15 -5.73
C LYS A 166 1.30 -21.78 -5.16
N CYS A 167 2.58 -21.45 -5.19
CA CYS A 167 3.08 -20.21 -4.55
C CYS A 167 3.18 -19.12 -5.60
N LYS A 168 2.76 -17.91 -5.22
CA LYS A 168 2.72 -16.75 -6.13
C LYS A 168 3.42 -15.57 -5.45
N ASP A 169 4.04 -14.74 -6.26
CA ASP A 169 4.65 -13.49 -5.80
C ASP A 169 3.58 -12.40 -5.73
N VAL A 170 3.39 -11.85 -4.55
CA VAL A 170 2.37 -10.81 -4.31
C VAL A 170 3.06 -9.47 -4.13
N VAL A 171 2.50 -8.41 -4.72
CA VAL A 171 3.09 -7.06 -4.68
C VAL A 171 1.99 -6.12 -4.16
N PHE A 172 2.26 -5.44 -3.04
CA PHE A 172 1.39 -4.32 -2.63
C PHE A 172 2.04 -3.06 -3.19
N ALA A 173 1.49 -2.57 -4.31
CA ALA A 173 2.10 -1.51 -5.09
C ALA A 173 1.75 -0.15 -4.54
N ASP A 174 2.78 0.58 -4.14
CA ASP A 174 2.59 1.96 -3.73
C ASP A 174 2.13 2.76 -4.95
N SER A 175 1.57 3.93 -4.67
CA SER A 175 1.12 4.83 -5.77
C SER A 175 2.26 5.44 -6.53
N LEU A 176 2.14 5.45 -7.85
CA LEU A 176 3.18 5.96 -8.74
C LEU A 176 2.67 7.17 -9.51
N THR A 177 1.67 7.84 -8.91
CA THR A 177 0.98 8.95 -9.60
C THR A 177 1.56 10.35 -9.33
N ALA A 178 1.79 11.08 -10.42
CA ALA A 178 2.22 12.48 -10.36
C ALA A 178 0.98 13.34 -10.10
N VAL A 179 0.51 13.32 -8.86
CA VAL A 179 -0.59 14.19 -8.41
C VAL A 179 -0.10 15.07 -7.27
N SER A 180 -0.75 16.22 -7.07
CA SER A 180 -0.24 17.22 -6.14
C SER A 180 -1.28 18.27 -5.81
N ALA A 181 -0.95 19.12 -4.86
CA ALA A 181 -1.65 20.42 -4.71
C ALA A 181 -1.67 21.20 -6.00
N ASP A 182 -2.72 22.02 -6.18
CA ASP A 182 -2.82 22.88 -7.35
C ASP A 182 -1.63 23.81 -7.49
N SER A 183 -1.07 24.25 -6.37
CA SER A 183 0.06 25.19 -6.33
C SER A 183 1.46 24.53 -6.48
N TYR A 184 1.49 23.21 -6.68
CA TYR A 184 2.74 22.47 -6.81
C TYR A 184 3.01 22.09 -8.23
N ARG A 185 4.23 22.32 -8.71
CA ARG A 185 4.54 22.00 -10.08
C ARG A 185 5.67 20.97 -10.14
N PHE A 186 5.42 19.82 -10.79
CA PHE A 186 6.48 18.80 -10.95
C PHE A 186 7.63 19.34 -11.79
N SER A 187 7.31 20.22 -12.74
CA SER A 187 8.32 20.93 -13.54
C SER A 187 9.35 21.71 -12.72
N ASP A 188 9.03 22.03 -11.47
CA ASP A 188 9.96 22.74 -10.56
C ASP A 188 10.79 21.81 -9.68
N HIS A 189 10.54 20.50 -9.78
CA HIS A 189 11.17 19.52 -8.90
C HIS A 189 11.74 18.38 -9.67
N PRO A 190 12.88 18.62 -10.33
CA PRO A 190 13.33 17.60 -11.24
C PRO A 190 13.79 16.28 -10.57
N GLU A 191 14.20 16.34 -9.32
CA GLU A 191 14.57 15.12 -8.60
C GLU A 191 13.36 14.30 -8.21
N VAL A 192 12.22 14.97 -7.97
CA VAL A 192 10.98 14.24 -7.72
C VAL A 192 10.60 13.46 -8.99
N VAL A 193 10.67 14.12 -10.14
CA VAL A 193 10.38 13.52 -11.42
C VAL A 193 11.34 12.35 -11.69
N ALA A 194 12.64 12.56 -11.45
CA ALA A 194 13.59 11.48 -11.68
C ALA A 194 13.29 10.28 -10.78
N SER A 195 12.89 10.55 -9.52
CA SER A 195 12.50 9.50 -8.57
CA SER A 195 12.56 9.46 -8.61
C SER A 195 11.32 8.69 -9.09
N LEU A 196 10.31 9.41 -9.59
CA LEU A 196 9.12 8.76 -10.18
C LEU A 196 9.52 7.85 -11.33
N ARG A 197 10.39 8.35 -12.22
CA ARG A 197 10.76 7.54 -13.37
CA ARG A 197 10.81 7.56 -13.37
C ARG A 197 11.58 6.32 -12.92
N GLY A 198 12.40 6.46 -11.89
CA GLY A 198 13.14 5.31 -11.34
C GLY A 198 12.18 4.27 -10.77
N SER A 199 11.13 4.77 -10.15
CA SER A 199 10.12 3.88 -9.57
C SER A 199 9.31 3.12 -10.59
N PHE A 200 8.94 3.75 -11.72
CA PHE A 200 8.29 3.01 -12.81
C PHE A 200 9.17 1.81 -13.21
N GLU A 201 10.47 2.03 -13.37
CA GLU A 201 11.37 0.96 -13.79
CA GLU A 201 11.40 0.96 -13.78
C GLU A 201 11.47 -0.14 -12.73
N ALA A 202 11.57 0.25 -11.48
CA ALA A 202 11.68 -0.74 -10.41
C ALA A 202 10.43 -1.61 -10.36
N VAL A 203 9.26 -0.99 -10.50
CA VAL A 203 8.01 -1.73 -10.39
C VAL A 203 7.80 -2.66 -11.59
N GLU A 204 8.10 -2.19 -12.80
CA GLU A 204 7.86 -3.05 -13.97
C GLU A 204 8.81 -4.25 -13.98
N LYS A 205 9.90 -4.20 -13.20
CA LYS A 205 10.87 -5.32 -13.10
C LYS A 205 10.56 -6.31 -11.98
N LEU A 206 9.56 -6.00 -11.13
CA LEU A 206 9.25 -6.89 -10.01
C LEU A 206 8.68 -8.22 -10.45
N SER A 207 9.01 -9.27 -9.72
CA SER A 207 8.30 -10.54 -9.83
CA SER A 207 8.30 -10.52 -9.85
C SER A 207 6.88 -10.27 -9.32
N CYS A 208 5.87 -10.47 -10.16
CA CYS A 208 4.56 -9.95 -9.83
C CYS A 208 3.39 -10.76 -10.35
N ASP A 209 3.01 -11.82 -9.63
CA ASP A 209 1.86 -12.63 -10.02
C ASP A 209 0.53 -11.97 -9.61
N ILE A 210 0.53 -11.38 -8.42
CA ILE A 210 -0.66 -10.77 -7.89
C ILE A 210 -0.29 -9.36 -7.42
N ALA A 211 -0.87 -8.33 -8.04
CA ALA A 211 -0.67 -6.96 -7.57
C ALA A 211 -1.91 -6.45 -6.88
N ILE A 212 -1.68 -5.82 -5.72
CA ILE A 212 -2.71 -5.08 -4.97
C ILE A 212 -2.26 -3.63 -4.95
N ALA A 213 -2.96 -2.77 -5.68
CA ALA A 213 -2.55 -1.35 -5.76
C ALA A 213 -3.15 -0.60 -4.58
N ALA A 214 -2.40 0.38 -4.07
CA ALA A 214 -2.84 1.13 -2.90
C ALA A 214 -4.25 1.73 -3.09
N HIS A 215 -4.52 2.28 -4.28
CA HIS A 215 -5.90 2.53 -4.71
C HIS A 215 -6.31 1.32 -5.50
N PRO A 216 -7.23 0.51 -4.94
CA PRO A 216 -7.39 -0.86 -5.45
C PRO A 216 -7.90 -0.95 -6.87
N GLU A 217 -8.65 0.05 -7.32
CA GLU A 217 -9.15 0.00 -8.71
C GLU A 217 -8.05 0.11 -9.78
N VAL A 218 -6.84 0.53 -9.38
CA VAL A 218 -5.72 0.66 -10.28
C VAL A 218 -5.33 -0.70 -10.88
N ASN A 219 -5.59 -1.77 -10.14
CA ASN A 219 -5.49 -3.12 -10.72
C ASN A 219 -6.84 -3.84 -10.69
N ASP A 220 -7.92 -3.08 -10.92
CA ASP A 220 -9.25 -3.67 -11.15
C ASP A 220 -9.69 -4.58 -10.00
N MET A 221 -9.35 -4.25 -8.77
CA MET A 221 -9.70 -5.14 -7.66
C MET A 221 -11.17 -5.57 -7.65
N TRP A 222 -12.11 -4.63 -7.86
CA TRP A 222 -13.53 -4.92 -7.69
C TRP A 222 -14.06 -5.80 -8.78
N THR A 223 -13.51 -5.64 -9.98
CA THR A 223 -13.88 -6.49 -11.13
C THR A 223 -13.37 -7.91 -10.88
N ARG A 224 -12.10 -7.99 -10.48
CA ARG A 224 -11.46 -9.26 -10.15
C ARG A 224 -12.21 -9.99 -9.02
N GLN A 225 -12.58 -9.27 -7.96
CA GLN A 225 -13.30 -9.88 -6.84
CA GLN A 225 -13.28 -9.88 -6.84
C GLN A 225 -14.62 -10.50 -7.29
N GLN A 226 -15.31 -9.83 -8.19
CA GLN A 226 -16.59 -10.35 -8.68
CA GLN A 226 -16.59 -10.36 -8.65
C GLN A 226 -16.38 -11.63 -9.47
N ARG A 227 -15.31 -11.66 -10.25
CA ARG A 227 -14.99 -12.86 -11.04
C ARG A 227 -14.45 -14.00 -10.18
N ALA A 228 -13.96 -13.71 -8.97
CA ALA A 228 -13.38 -14.76 -8.10
C ALA A 228 -14.45 -15.73 -7.62
N ALA A 229 -15.69 -15.25 -7.51
CA ALA A 229 -16.85 -16.04 -7.12
C ALA A 229 -16.89 -17.33 -7.97
N LYS A 230 -16.76 -17.20 -9.29
CA LYS A 230 -16.77 -18.41 -10.13
C LYS A 230 -15.39 -18.93 -10.57
N GLU A 231 -14.40 -18.05 -10.64
CA GLU A 231 -13.08 -18.44 -11.12
C GLU A 231 -12.13 -18.86 -9.99
N GLY A 232 -12.49 -18.60 -8.74
CA GLY A 232 -11.56 -18.78 -7.62
C GLY A 232 -10.55 -17.64 -7.57
N ASN A 233 -9.55 -17.78 -6.73
CA ASN A 233 -8.56 -16.71 -6.55
C ASN A 233 -7.58 -16.48 -7.70
N SER A 234 -7.62 -17.35 -8.72
CA SER A 234 -6.94 -17.10 -9.98
CA SER A 234 -6.92 -17.09 -9.96
C SER A 234 -7.36 -15.76 -10.59
N ALA A 235 -8.57 -15.31 -10.24
CA ALA A 235 -9.11 -14.01 -10.76
C ALA A 235 -8.17 -12.85 -10.40
N TYR A 236 -7.43 -13.00 -9.30
CA TYR A 236 -6.52 -11.94 -8.85
C TYR A 236 -5.14 -12.02 -9.50
N VAL A 237 -4.85 -13.14 -10.15
CA VAL A 237 -3.53 -13.41 -10.66
C VAL A 237 -3.43 -12.89 -12.08
N ASP A 238 -2.40 -12.08 -12.34
CA ASP A 238 -2.16 -11.47 -13.65
C ASP A 238 -0.78 -10.89 -13.54
N ASN A 239 0.17 -11.57 -14.15
CA ASN A 239 1.57 -11.20 -14.03
C ASN A 239 2.04 -10.04 -14.90
N GLY A 240 1.09 -9.40 -15.58
CA GLY A 240 1.35 -8.17 -16.31
C GLY A 240 0.92 -6.97 -15.48
N ALA A 241 0.40 -7.21 -14.28
CA ALA A 241 -0.19 -6.11 -13.52
C ALA A 241 0.80 -5.03 -13.06
N CYS A 242 1.99 -5.41 -12.60
CA CYS A 242 2.97 -4.41 -12.17
C CYS A 242 3.44 -3.60 -13.36
N ARG A 243 3.62 -4.27 -14.50
CA ARG A 243 3.99 -3.55 -15.74
C ARG A 243 2.90 -2.53 -16.11
N ALA A 244 1.63 -2.89 -15.93
CA ALA A 244 0.49 -2.04 -16.31
C ALA A 244 0.39 -0.85 -15.34
N ILE A 245 0.61 -1.09 -14.05
CA ILE A 245 0.56 0.00 -13.07
C ILE A 245 1.68 1.00 -13.40
N ALA A 246 2.90 0.48 -13.64
CA ALA A 246 4.03 1.33 -14.05
C ALA A 246 3.74 2.14 -15.33
N ALA A 247 3.12 1.49 -16.31
CA ALA A 247 2.78 2.16 -17.57
C ALA A 247 1.78 3.28 -17.33
N ALA A 248 0.81 3.02 -16.47
CA ALA A 248 -0.21 4.04 -16.14
C ALA A 248 0.47 5.22 -15.45
N GLY A 249 1.42 4.94 -14.55
CA GLY A 249 2.14 6.03 -13.88
C GLY A 249 2.92 6.86 -14.90
N ARG A 250 3.59 6.17 -15.82
CA ARG A 250 4.38 6.82 -16.86
C ARG A 250 3.48 7.70 -17.74
N LYS A 251 2.33 7.19 -18.14
CA LYS A 251 1.39 7.95 -18.98
C LYS A 251 0.89 9.18 -18.23
N ARG A 252 0.53 9.01 -16.96
CA ARG A 252 0.07 10.13 -16.14
C ARG A 252 1.13 11.22 -15.95
N LEU A 253 2.38 10.82 -15.75
CA LEU A 253 3.46 11.79 -15.60
C LEU A 253 3.62 12.60 -16.88
N GLU A 254 3.54 11.94 -18.03
CA GLU A 254 3.68 12.64 -19.30
C GLU A 254 2.52 13.63 -19.51
N THR A 255 1.30 13.21 -19.17
CA THR A 255 0.12 14.06 -19.27
C THR A 255 0.30 15.26 -18.34
N ARG A 256 0.79 14.98 -17.12
CA ARG A 256 0.95 16.02 -16.12
C ARG A 256 1.99 17.07 -16.52
N LEU A 257 3.15 16.63 -17.01
CA LEU A 257 4.20 17.56 -17.41
C LEU A 257 3.72 18.40 -18.60
N ALA A 258 2.94 17.78 -19.49
CA ALA A 258 2.38 18.51 -20.63
C ALA A 258 1.43 19.63 -20.17
N SER A 259 0.60 19.33 -19.18
CA SER A 259 -0.37 20.30 -18.68
C SER A 259 0.29 21.50 -17.99
N GLU A 260 1.49 21.28 -17.45
CA GLU A 260 2.24 22.31 -16.74
C GLU A 260 2.97 23.32 -17.66
N LYS A 261 3.15 22.95 -18.93
CA LYS A 261 3.89 23.77 -19.90
C LYS A 261 3.07 24.91 -20.51
#